data_6H2I
#
_entry.id   6H2I
#
_cell.length_a   39.632
_cell.length_b   41.523
_cell.length_c   76.417
_cell.angle_alpha   103.83
_cell.angle_beta   89.99
_cell.angle_gamma   90.79
#
_symmetry.space_group_name_H-M   'P 1'
#
loop_
_entity.id
_entity.type
_entity.pdbx_description
1 polymer Beta-lactamase
2 non-polymer 'TAZOBACTAM INTERMEDIATE'
3 non-polymer 'ACETATE ION'
4 water water
#
_entity_poly.entity_id   1
_entity_poly.type   'polypeptide(L)'
_entity_poly.pdbx_seq_one_letter_code
;MDLADRFAELERRYDARLGVYVPATGTTAAIEYRADERFAFCSTFKAPLVAAVLHQNPLTHLDKLITYTSDDIRSISPVA
QQHVQTGMTIGQLCDAAIRYSDGTAANLLLADLGGPGGGTAAFTGYLRSLGDTVSRLDAEEPELNRDPPGDERDTTTPHA
IALVLQQLVLGNALPPDKRALLTDWMARNTTGAKRIRAGFPADWKVIDKTGTGDYGRANDIAVVWSPTGVPYVVAVMSDR
AGGGYDAEPREALLAEAATCVAGVLALEHHHHHH
;
_entity_poly.pdbx_strand_id   A,B
#
# COMPACT_ATOMS: atom_id res chain seq x y z
N ASP A 2 20.49 -3.45 -23.33
CA ASP A 2 20.19 -2.47 -24.42
C ASP A 2 19.69 -1.14 -23.83
N LEU A 3 18.90 -1.25 -22.76
CA LEU A 3 18.51 -0.10 -21.94
C LEU A 3 19.69 0.61 -21.28
N ALA A 4 20.69 -0.14 -20.84
CA ALA A 4 21.97 0.45 -20.44
C ALA A 4 22.59 1.28 -21.58
N ASP A 5 22.59 0.74 -22.79
CA ASP A 5 23.11 1.47 -23.96
C ASP A 5 22.28 2.72 -24.29
N ARG A 6 20.96 2.64 -24.12
CA ARG A 6 20.10 3.83 -24.24
C ARG A 6 20.49 4.88 -23.20
N PHE A 7 20.70 4.46 -21.96
CA PHE A 7 21.18 5.39 -20.92
C PHE A 7 22.58 5.93 -21.24
N ALA A 8 23.47 5.08 -21.75
CA ALA A 8 24.83 5.51 -22.09
C ALA A 8 24.80 6.66 -23.11
N GLU A 9 23.84 6.58 -24.03
CA GLU A 9 23.70 7.58 -25.09
C GLU A 9 23.22 8.91 -24.52
N LEU A 10 22.29 8.84 -23.57
CA LEU A 10 21.87 10.02 -22.83
C LEU A 10 23.07 10.71 -22.23
N GLU A 11 23.99 9.93 -21.66
CA GLU A 11 25.16 10.48 -21.00
C GLU A 11 26.10 11.19 -21.96
N ARG A 12 26.47 10.48 -23.04
CA ARG A 12 27.28 11.07 -24.13
C ARG A 12 26.70 12.41 -24.63
N ARG A 13 25.38 12.44 -24.81
CA ARG A 13 24.72 13.58 -25.44
C ARG A 13 24.63 14.77 -24.52
N TYR A 14 24.32 14.52 -23.27
CA TYR A 14 24.15 15.59 -22.29
C TYR A 14 25.42 15.90 -21.54
N ASP A 15 26.53 15.22 -21.88
CA ASP A 15 27.82 15.45 -21.26
C ASP A 15 27.63 15.43 -19.75
N ALA A 16 27.28 14.24 -19.25
CA ALA A 16 26.70 14.10 -17.92
C ALA A 16 26.74 12.67 -17.45
N ARG A 17 26.79 12.50 -16.13
CA ARG A 17 26.64 11.22 -15.45
C ARG A 17 25.18 11.05 -14.95
N LEU A 18 24.62 9.85 -15.12
CA LEU A 18 23.19 9.59 -14.90
C LEU A 18 23.04 8.39 -13.98
N GLY A 19 22.19 8.52 -12.97
CA GLY A 19 21.87 7.44 -12.03
C GLY A 19 20.37 7.18 -12.06
N VAL A 20 19.99 5.93 -12.22
CA VAL A 20 18.59 5.50 -12.32
C VAL A 20 18.37 4.26 -11.44
N TYR A 21 17.28 4.23 -10.67
CA TYR A 21 16.88 3.00 -10.01
C TYR A 21 15.36 2.89 -9.98
N VAL A 22 14.84 1.77 -10.47
CA VAL A 22 13.45 1.41 -10.25
C VAL A 22 13.50 0.02 -9.65
N PRO A 23 13.05 -0.14 -8.39
CA PRO A 23 12.93 -1.47 -7.79
C PRO A 23 12.06 -2.45 -8.62
N ALA A 24 12.37 -3.73 -8.52
CA ALA A 24 11.52 -4.78 -9.08
C ALA A 24 10.21 -4.80 -8.34
N THR A 25 9.13 -5.15 -9.04
CA THR A 25 7.82 -5.30 -8.44
C THR A 25 7.53 -6.80 -8.49
N GLY A 26 6.27 -7.22 -8.35
CA GLY A 26 5.87 -8.57 -8.77
C GLY A 26 6.08 -8.84 -10.28
N THR A 27 5.70 -7.89 -11.13
CA THR A 27 5.61 -8.10 -12.57
C THR A 27 6.84 -7.63 -13.39
N THR A 28 7.72 -6.82 -12.79
CA THR A 28 8.86 -6.23 -13.49
C THR A 28 10.17 -6.45 -12.78
N ALA A 29 11.24 -6.49 -13.55
CA ALA A 29 12.59 -6.48 -13.01
C ALA A 29 12.97 -5.08 -12.55
N ALA A 30 14.07 -5.01 -11.82
CA ALA A 30 14.60 -3.75 -11.33
C ALA A 30 15.36 -3.11 -12.44
N ILE A 31 15.20 -1.79 -12.60
CA ILE A 31 15.97 -1.02 -13.57
C ILE A 31 17.11 -0.36 -12.81
N GLU A 32 18.34 -0.57 -13.28
CA GLU A 32 19.53 -0.06 -12.60
C GLU A 32 20.51 0.46 -13.61
N TYR A 33 21.03 1.66 -13.37
CA TYR A 33 22.14 2.19 -14.11
C TYR A 33 22.90 3.11 -13.18
N ARG A 34 24.11 2.70 -12.79
CA ARG A 34 24.90 3.37 -11.73
C ARG A 34 24.11 3.54 -10.43
N ALA A 35 23.28 2.56 -10.10
CA ALA A 35 22.41 2.65 -8.94
C ALA A 35 23.16 2.80 -7.62
N ASP A 36 24.36 2.25 -7.51
CA ASP A 36 25.16 2.35 -6.26
C ASP A 36 26.32 3.34 -6.30
N GLU A 37 26.42 4.09 -7.40
CA GLU A 37 27.29 5.28 -7.42
C GLU A 37 26.62 6.41 -6.63
N ARG A 38 27.46 7.22 -5.98
CA ARG A 38 26.98 8.34 -5.16
C ARG A 38 26.66 9.57 -5.99
N PHE A 39 25.58 10.22 -5.60
CA PHE A 39 25.11 11.42 -6.26
C PHE A 39 24.71 12.35 -5.13
N ALA A 40 24.93 13.63 -5.32
CA ALA A 40 24.49 14.64 -4.38
C ALA A 40 23.00 14.52 -4.18
N PHE A 41 22.59 14.45 -2.92
CA PHE A 41 21.19 14.60 -2.53
C PHE A 41 20.50 15.85 -3.15
N CYS A 42 21.09 17.02 -2.88
CA CYS A 42 20.44 18.31 -3.15
C CYS A 42 19.12 18.33 -2.38
N SER A 43 18.06 18.93 -2.90
CA SER A 43 16.81 19.06 -2.13
C SER A 43 16.04 17.76 -1.95
N THR A 44 16.43 16.66 -2.58
CA THR A 44 15.68 15.39 -2.50
C THR A 44 15.58 14.85 -1.09
N PHE A 45 16.57 15.20 -0.24
CA PHE A 45 16.54 14.89 1.21
C PHE A 45 15.32 15.44 1.95
N LYS A 46 14.76 16.56 1.47
CA LYS A 46 13.58 17.19 2.10
C LYS A 46 12.36 16.28 2.21
N ALA A 47 12.28 15.24 1.37
CA ALA A 47 11.18 14.26 1.46
C ALA A 47 11.32 13.40 2.72
N PRO A 48 12.42 12.63 2.84
CA PRO A 48 12.58 11.84 4.07
C PRO A 48 12.73 12.70 5.32
N LEU A 49 13.15 13.96 5.15
CA LEU A 49 13.20 14.91 6.26
C LEU A 49 11.82 15.18 6.82
N VAL A 50 10.85 15.37 5.94
CA VAL A 50 9.46 15.60 6.37
C VAL A 50 8.87 14.36 7.04
N ALA A 51 9.20 13.19 6.53
CA ALA A 51 8.84 11.94 7.19
C ALA A 51 9.41 11.87 8.63
N ALA A 52 10.65 12.33 8.78
CA ALA A 52 11.35 12.28 10.06
C ALA A 52 10.72 13.16 11.12
N VAL A 53 10.34 14.36 10.72
CA VAL A 53 9.60 15.26 11.62
C VAL A 53 8.20 14.69 11.87
N LEU A 54 7.53 14.18 10.83
CA LEU A 54 6.22 13.56 11.02
C LEU A 54 6.26 12.42 12.01
N HIS A 55 7.27 11.55 11.86
CA HIS A 55 7.38 10.36 12.70
C HIS A 55 7.67 10.63 14.21
N GLN A 56 8.61 11.54 14.49
CA GLN A 56 9.04 11.85 15.86
C GLN A 56 7.96 12.56 16.73
N ASN A 57 6.91 13.10 16.10
CA ASN A 57 5.96 13.98 16.79
C ASN A 57 4.53 13.63 16.48
N PRO A 58 3.62 13.96 17.39
CA PRO A 58 2.18 13.89 17.03
C PRO A 58 1.80 14.96 16.00
N LEU A 59 0.67 14.76 15.32
CA LEU A 59 0.19 15.73 14.29
C LEU A 59 -0.06 17.14 14.83
N THR A 60 -0.36 17.21 16.11
CA THR A 60 -0.38 18.45 16.89
C THR A 60 0.87 19.34 16.70
N HIS A 61 2.04 18.72 16.59
CA HIS A 61 3.33 19.43 16.40
C HIS A 61 3.44 20.29 15.10
N LEU A 62 2.63 19.94 14.09
CA LEU A 62 2.50 20.72 12.86
C LEU A 62 1.85 22.10 13.03
N ASP A 63 1.25 22.35 14.20
CA ASP A 63 0.69 23.66 14.56
C ASP A 63 1.67 24.54 15.36
N LYS A 64 2.90 24.08 15.54
CA LYS A 64 3.88 24.83 16.31
C LYS A 64 4.48 25.92 15.44
N LEU A 65 4.25 27.17 15.86
CA LEU A 65 4.78 28.33 15.17
C LEU A 65 6.28 28.39 15.42
N ILE A 66 7.04 28.53 14.34
CA ILE A 66 8.49 28.69 14.41
C ILE A 66 8.77 30.08 13.89
N THR A 67 9.44 30.92 14.67
CA THR A 67 9.86 32.22 14.18
C THR A 67 11.33 32.14 13.80
N TYR A 68 11.70 33.00 12.88
CA TYR A 68 13.04 33.06 12.35
C TYR A 68 13.21 34.51 11.85
N THR A 69 14.37 34.85 11.30
CA THR A 69 14.63 36.22 10.85
C THR A 69 15.13 36.20 9.42
N SER A 70 15.29 37.38 8.82
CA SER A 70 15.98 37.48 7.53
C SER A 70 17.45 37.01 7.59
N ASP A 71 18.03 37.02 8.79
CA ASP A 71 19.36 36.44 9.04
C ASP A 71 19.43 34.96 8.63
N ASP A 72 18.35 34.22 8.91
CA ASP A 72 18.26 32.78 8.63
C ASP A 72 18.14 32.41 7.13
N ILE A 73 17.78 33.37 6.29
CA ILE A 73 17.57 33.14 4.86
C ILE A 73 18.91 33.32 4.13
N ARG A 74 19.58 32.20 3.86
CA ARG A 74 20.85 32.16 3.12
C ARG A 74 20.77 31.31 1.85
N SER A 75 19.56 30.96 1.44
CA SER A 75 19.32 30.19 0.21
C SER A 75 17.95 30.54 -0.38
N ILE A 76 17.70 30.08 -1.60
CA ILE A 76 16.40 30.35 -2.25
C ILE A 76 15.26 29.80 -1.39
N SER A 77 14.39 30.73 -0.95
CA SER A 77 13.35 30.45 0.01
C SER A 77 12.15 31.25 -0.42
N PRO A 78 11.45 30.79 -1.48
CA PRO A 78 10.32 31.60 -2.00
C PRO A 78 9.13 31.71 -1.03
N VAL A 79 8.94 30.73 -0.14
CA VAL A 79 7.86 30.77 0.84
C VAL A 79 8.33 31.38 2.17
N ALA A 80 9.52 31.03 2.62
CA ALA A 80 10.02 31.54 3.92
C ALA A 80 10.24 33.05 3.91
N GLN A 81 10.61 33.57 2.75
CA GLN A 81 10.66 35.02 2.51
C GLN A 81 9.29 35.68 2.71
N GLN A 82 8.25 35.11 2.13
CA GLN A 82 6.90 35.62 2.30
C GLN A 82 6.44 35.64 3.76
N HIS A 83 6.94 34.71 4.58
CA HIS A 83 6.47 34.59 5.96
C HIS A 83 7.49 34.99 7.04
N VAL A 84 8.54 35.70 6.65
CA VAL A 84 9.65 36.02 7.56
C VAL A 84 9.26 36.72 8.86
N GLN A 85 8.23 37.58 8.77
CA GLN A 85 7.78 38.45 9.85
C GLN A 85 6.69 37.84 10.74
N THR A 86 5.79 37.04 10.17
CA THR A 86 4.70 36.40 10.93
C THR A 86 5.11 35.01 11.47
N GLY A 87 6.18 34.46 10.90
CA GLY A 87 6.63 33.11 11.22
C GLY A 87 5.92 32.11 10.34
N MET A 88 6.46 30.88 10.32
CA MET A 88 5.79 29.72 9.68
C MET A 88 5.61 28.58 10.67
N THR A 89 4.48 27.88 10.58
CA THR A 89 4.26 26.70 11.42
C THR A 89 5.02 25.52 10.84
N ILE A 90 5.30 24.52 11.67
CA ILE A 90 5.99 23.29 11.24
C ILE A 90 5.35 22.64 10.01
N GLY A 91 4.01 22.69 9.93
CA GLY A 91 3.28 22.12 8.79
C GLY A 91 3.51 22.92 7.54
N GLN A 92 3.46 24.24 7.68
CA GLN A 92 3.77 25.16 6.59
C GLN A 92 5.18 24.91 6.08
N LEU A 93 6.10 24.70 7.03
CA LEU A 93 7.49 24.44 6.69
C LEU A 93 7.64 23.19 5.81
N CYS A 94 6.97 22.11 6.19
CA CYS A 94 6.96 20.87 5.44
C CYS A 94 6.33 21.11 4.11
N ASP A 95 5.23 21.86 4.12
CA ASP A 95 4.57 22.24 2.87
C ASP A 95 5.62 22.86 1.93
N ALA A 96 6.30 23.92 2.40
CA ALA A 96 7.27 24.69 1.58
C ALA A 96 8.48 23.88 1.17
N ALA A 97 8.99 23.06 2.08
CA ALA A 97 10.17 22.22 1.81
C ALA A 97 9.91 21.28 0.64
N ILE A 98 8.76 20.63 0.64
CA ILE A 98 8.42 19.69 -0.41
C ILE A 98 7.99 20.41 -1.70
N ARG A 99 7.01 21.30 -1.60
CA ARG A 99 6.36 21.84 -2.79
C ARG A 99 7.13 22.95 -3.48
N TYR A 100 7.92 23.70 -2.72
CA TYR A 100 8.76 24.78 -3.29
C TYR A 100 10.25 24.59 -3.15
N SER A 101 10.68 23.47 -2.54
CA SER A 101 12.10 23.22 -2.30
C SER A 101 12.73 24.39 -1.50
N ASP A 102 11.99 24.90 -0.51
CA ASP A 102 12.42 26.05 0.27
C ASP A 102 13.58 25.66 1.17
N GLY A 103 14.70 26.37 1.03
CA GLY A 103 15.93 26.05 1.74
C GLY A 103 15.91 26.39 3.21
N THR A 104 15.37 27.57 3.49
CA THR A 104 15.16 28.00 4.87
C THR A 104 14.20 27.06 5.59
N ALA A 105 13.10 26.73 4.93
CA ALA A 105 12.16 25.74 5.47
C ALA A 105 12.86 24.43 5.87
N ALA A 106 13.72 23.93 4.99
CA ALA A 106 14.45 22.71 5.27
C ALA A 106 15.39 22.86 6.46
N ASN A 107 16.05 24.02 6.57
CA ASN A 107 17.00 24.26 7.67
C ASN A 107 16.29 24.38 9.02
N LEU A 108 15.06 24.85 9.02
CA LEU A 108 14.28 24.92 10.26
C LEU A 108 13.80 23.51 10.70
N LEU A 109 13.38 22.70 9.74
CA LEU A 109 13.01 21.32 10.05
C LEU A 109 14.20 20.52 10.58
N LEU A 110 15.40 20.80 10.08
CA LEU A 110 16.61 20.16 10.59
C LEU A 110 16.86 20.53 12.05
N ALA A 111 16.70 21.81 12.37
CA ALA A 111 16.78 22.30 13.74
C ALA A 111 15.67 21.74 14.65
N ASP A 112 14.43 21.75 14.17
CA ASP A 112 13.36 21.10 14.90
C ASP A 112 13.68 19.63 15.14
N LEU A 113 14.25 18.94 14.17
CA LEU A 113 14.49 17.52 14.29
C LEU A 113 15.62 17.21 15.29
N GLY A 114 16.77 17.91 15.17
CA GLY A 114 17.98 17.63 15.97
C GLY A 114 18.58 18.79 16.77
N GLY A 115 17.86 19.92 16.88
CA GLY A 115 18.39 21.09 17.56
C GLY A 115 19.36 21.87 16.70
N PRO A 116 19.91 22.96 17.28
CA PRO A 116 20.98 23.65 16.52
C PRO A 116 22.29 22.85 16.58
N GLY A 117 22.84 22.57 15.41
CA GLY A 117 24.11 21.84 15.32
C GLY A 117 24.04 20.34 15.08
N GLY A 118 22.87 19.74 15.32
CA GLY A 118 22.70 18.32 15.14
C GLY A 118 21.59 17.86 14.21
N GLY A 119 21.05 18.75 13.37
CA GLY A 119 19.98 18.39 12.45
C GLY A 119 20.34 17.41 11.34
N THR A 120 21.59 17.50 10.87
CA THR A 120 22.13 16.64 9.80
C THR A 120 22.35 15.23 10.35
N ALA A 121 22.98 15.18 11.52
CA ALA A 121 23.17 13.96 12.27
C ALA A 121 21.84 13.29 12.52
N ALA A 122 20.87 14.06 12.99
CA ALA A 122 19.52 13.53 13.26
C ALA A 122 18.77 13.07 12.02
N PHE A 123 18.96 13.74 10.89
CA PHE A 123 18.29 13.33 9.65
C PHE A 123 18.92 12.05 9.11
N THR A 124 20.24 12.01 9.09
CA THR A 124 20.97 10.82 8.67
C THR A 124 20.57 9.61 9.52
N GLY A 125 20.28 9.84 10.80
CA GLY A 125 19.87 8.81 11.70
C GLY A 125 18.47 8.26 11.49
N TYR A 126 17.57 9.09 10.96
CA TYR A 126 16.25 8.59 10.56
C TYR A 126 16.41 7.64 9.39
N LEU A 127 17.33 7.94 8.47
CA LEU A 127 17.62 7.03 7.35
C LEU A 127 18.23 5.72 7.86
N ARG A 128 19.12 5.84 8.84
CA ARG A 128 19.71 4.66 9.47
C ARG A 128 18.62 3.85 10.15
N SER A 129 17.67 4.52 10.80
CA SER A 129 16.54 3.79 11.41
C SER A 129 15.75 3.03 10.35
N LEU A 130 15.71 3.56 9.12
CA LEU A 130 15.05 2.92 7.98
C LEU A 130 15.91 1.91 7.19
N GLY A 131 17.08 1.52 7.73
CA GLY A 131 17.94 0.50 7.13
C GLY A 131 18.80 0.94 5.95
N ASP A 132 18.83 2.24 5.70
CA ASP A 132 19.79 2.84 4.77
C ASP A 132 21.08 3.16 5.57
N THR A 133 22.13 2.36 5.35
CA THR A 133 23.46 2.62 5.94
C THR A 133 24.41 3.44 5.05
N VAL A 134 23.97 3.79 3.82
CA VAL A 134 24.82 4.34 2.78
C VAL A 134 24.70 5.85 2.72
N SER A 135 23.47 6.37 2.62
CA SER A 135 23.21 7.83 2.57
C SER A 135 23.76 8.59 3.75
N ARG A 136 24.01 9.89 3.54
CA ARG A 136 24.51 10.79 4.59
C ARG A 136 24.28 12.28 4.28
N LEU A 137 23.82 13.03 5.29
CA LEU A 137 23.74 14.49 5.22
C LEU A 137 24.68 15.09 6.25
N ASP A 138 25.55 15.98 5.78
CA ASP A 138 26.64 16.61 6.55
C ASP A 138 26.56 18.14 6.69
N ALA A 139 25.64 18.78 5.97
CA ALA A 139 25.55 20.25 5.92
C ALA A 139 24.10 20.70 5.73
N GLU A 140 23.86 21.98 5.99
CA GLU A 140 22.58 22.60 5.70
C GLU A 140 22.61 23.33 4.35
N GLU A 141 21.46 23.89 3.98
CA GLU A 141 21.32 24.72 2.79
C GLU A 141 22.03 26.08 2.97
N PRO A 142 22.70 26.61 1.95
CA PRO A 142 22.82 26.01 0.62
C PRO A 142 24.06 25.12 0.42
N GLU A 143 24.94 25.01 1.42
CA GLU A 143 26.27 24.39 1.23
C GLU A 143 26.21 22.91 0.82
N LEU A 144 25.14 22.23 1.20
CA LEU A 144 24.93 20.82 0.83
C LEU A 144 24.84 20.61 -0.68
N ASN A 145 24.40 21.66 -1.38
CA ASN A 145 24.29 21.65 -2.83
C ASN A 145 25.65 21.91 -3.50
N ARG A 146 26.73 22.12 -2.74
CA ARG A 146 27.98 22.70 -3.28
C ARG A 146 29.27 21.91 -3.06
N ASP A 147 29.20 20.65 -2.62
CA ASP A 147 30.40 19.82 -2.47
C ASP A 147 30.90 19.43 -3.85
N PRO A 148 32.24 19.26 -3.99
CA PRO A 148 32.78 18.78 -5.26
C PRO A 148 32.31 17.35 -5.67
N PRO A 149 32.40 17.03 -6.99
CA PRO A 149 32.22 15.68 -7.45
C PRO A 149 33.20 14.74 -6.74
N GLY A 150 32.72 13.61 -6.27
CA GLY A 150 33.57 12.61 -5.63
C GLY A 150 33.60 12.69 -4.11
N ASP A 151 33.13 13.79 -3.56
CA ASP A 151 33.01 13.95 -2.12
C ASP A 151 31.77 13.16 -1.71
N GLU A 152 31.95 12.27 -0.75
CA GLU A 152 30.85 11.49 -0.22
C GLU A 152 29.85 12.32 0.59
N ARG A 153 30.25 13.50 1.03
CA ARG A 153 29.38 14.30 1.87
C ARG A 153 28.15 14.71 1.13
N ASP A 154 27.01 14.63 1.82
CA ASP A 154 25.69 15.04 1.30
C ASP A 154 25.28 14.25 0.06
N THR A 155 25.74 12.99 0.00
CA THR A 155 25.41 12.07 -1.09
C THR A 155 24.39 11.01 -0.67
N THR A 156 23.73 10.46 -1.68
CA THR A 156 22.95 9.24 -1.54
C THR A 156 23.26 8.49 -2.83
N THR A 157 22.55 7.41 -3.10
CA THR A 157 22.64 6.72 -4.40
C THR A 157 21.21 6.47 -4.86
N PRO A 158 20.97 6.40 -6.19
CA PRO A 158 19.61 6.14 -6.69
C PRO A 158 18.91 4.95 -5.98
N HIS A 159 19.67 3.86 -5.86
CA HIS A 159 19.32 2.67 -5.08
C HIS A 159 18.77 3.00 -3.69
N ALA A 160 19.60 3.65 -2.86
CA ALA A 160 19.24 3.89 -1.46
C ALA A 160 18.01 4.75 -1.34
N ILE A 161 18.01 5.89 -2.03
CA ILE A 161 16.94 6.87 -1.84
C ILE A 161 15.59 6.37 -2.32
N ALA A 162 15.56 5.55 -3.39
CA ALA A 162 14.31 4.91 -3.80
C ALA A 162 13.78 4.01 -2.70
N LEU A 163 14.65 3.13 -2.21
CA LEU A 163 14.25 2.16 -1.20
C LEU A 163 13.73 2.85 0.02
N VAL A 164 14.25 4.04 0.30
CA VAL A 164 13.74 4.87 1.40
C VAL A 164 12.36 5.41 1.04
N LEU A 165 12.25 6.00 -0.13
CA LEU A 165 10.97 6.53 -0.59
C LEU A 165 9.88 5.46 -0.65
N GLN A 166 10.28 4.25 -1.05
CA GLN A 166 9.40 3.11 -1.13
C GLN A 166 8.77 2.88 0.24
N GLN A 167 9.62 2.74 1.25
CA GLN A 167 9.19 2.60 2.67
C GLN A 167 8.28 3.74 3.11
N LEU A 168 8.60 4.97 2.70
CA LEU A 168 7.85 6.15 3.14
C LEU A 168 6.48 6.22 2.52
N VAL A 169 6.41 5.92 1.21
CA VAL A 169 5.16 6.11 0.45
C VAL A 169 4.37 4.80 0.28
N LEU A 170 5.08 3.70 0.06
CA LEU A 170 4.44 2.41 -0.20
C LEU A 170 4.61 1.39 0.92
N GLY A 171 5.10 1.81 2.09
CA GLY A 171 5.38 0.92 3.24
C GLY A 171 4.90 1.52 4.55
N ASN A 172 5.25 0.90 5.69
CA ASN A 172 4.67 1.30 6.99
C ASN A 172 5.57 2.22 7.85
N ALA A 173 6.60 2.80 7.25
CA ALA A 173 7.49 3.71 7.97
C ALA A 173 6.75 4.92 8.53
N LEU A 174 5.60 5.25 7.94
CA LEU A 174 4.66 6.20 8.52
C LEU A 174 3.25 5.61 8.56
N PRO A 175 2.48 5.96 9.63
CA PRO A 175 1.07 5.57 9.66
C PRO A 175 0.27 6.32 8.61
N PRO A 176 -0.97 5.83 8.30
CA PRO A 176 -1.81 6.40 7.22
C PRO A 176 -2.16 7.89 7.32
N ASP A 177 -2.44 8.38 8.53
CA ASP A 177 -2.73 9.81 8.72
C ASP A 177 -1.51 10.69 8.31
N LYS A 178 -0.31 10.24 8.68
CA LYS A 178 0.95 10.95 8.41
C LYS A 178 1.53 10.72 7.01
N ARG A 179 1.40 9.49 6.51
CA ARG A 179 1.82 9.12 5.15
C ARG A 179 1.05 9.88 4.07
N ALA A 180 -0.25 10.08 4.33
CA ALA A 180 -1.12 10.75 3.40
C ALA A 180 -0.68 12.20 3.21
N LEU A 181 -0.30 12.86 4.31
CA LEU A 181 0.19 14.24 4.29
C LEU A 181 1.47 14.46 3.45
N LEU A 182 2.45 13.58 3.65
CA LEU A 182 3.66 13.52 2.80
C LEU A 182 3.31 13.37 1.30
N THR A 183 2.41 12.42 1.03
CA THR A 183 1.99 12.10 -0.34
C THR A 183 1.23 13.27 -0.95
N ASP A 184 0.37 13.90 -0.16
CA ASP A 184 -0.38 15.07 -0.63
C ASP A 184 0.59 16.21 -0.97
N TRP A 185 1.59 16.42 -0.12
CA TRP A 185 2.59 17.47 -0.37
C TRP A 185 3.44 17.18 -1.62
N MET A 186 3.87 15.92 -1.80
CA MET A 186 4.65 15.51 -3.00
C MET A 186 3.75 15.56 -4.23
N ALA A 187 2.52 15.09 -4.10
CA ALA A 187 1.56 15.16 -5.19
C ALA A 187 1.32 16.58 -5.67
N ARG A 188 1.39 17.55 -4.76
CA ARG A 188 1.17 18.94 -5.13
C ARG A 188 2.49 19.71 -5.39
N ASN A 189 3.57 19.01 -5.67
CA ASN A 189 4.83 19.66 -6.00
C ASN A 189 4.72 20.59 -7.22
N THR A 190 5.38 21.76 -7.14
CA THR A 190 5.39 22.79 -8.21
C THR A 190 6.69 22.83 -9.02
N THR A 191 7.73 22.13 -8.54
CA THR A 191 9.07 22.23 -9.14
C THR A 191 9.44 21.08 -10.10
N GLY A 192 8.55 20.12 -10.32
CA GLY A 192 8.88 18.87 -10.99
C GLY A 192 8.24 18.57 -12.34
N ALA A 193 7.52 19.52 -12.90
CA ALA A 193 6.79 19.27 -14.17
C ALA A 193 7.69 18.75 -15.31
N LYS A 194 8.96 19.20 -15.29
CA LYS A 194 9.89 18.99 -16.41
C LYS A 194 10.81 17.78 -16.25
N ARG A 195 10.61 16.97 -15.21
CA ARG A 195 11.49 15.85 -14.95
C ARG A 195 10.76 14.50 -15.07
N ILE A 196 10.63 13.72 -13.99
CA ILE A 196 9.96 12.43 -14.05
C ILE A 196 8.54 12.59 -14.62
N ARG A 197 7.86 13.67 -14.24
CA ARG A 197 6.47 13.93 -14.64
C ARG A 197 6.34 13.96 -16.14
N ALA A 198 7.31 14.59 -16.81
CA ALA A 198 7.29 14.78 -18.26
C ALA A 198 7.48 13.49 -19.02
N GLY A 199 8.16 12.52 -18.41
CA GLY A 199 8.44 11.23 -19.02
C GLY A 199 7.33 10.19 -18.94
N PHE A 200 6.15 10.57 -18.43
CA PHE A 200 5.08 9.61 -18.10
C PHE A 200 3.73 10.08 -18.62
N PRO A 201 2.94 9.16 -19.20
CA PRO A 201 1.63 9.58 -19.72
C PRO A 201 0.75 10.21 -18.65
N ALA A 202 -0.15 11.10 -19.08
CA ALA A 202 -1.00 11.87 -18.16
C ALA A 202 -1.94 11.01 -17.29
N ASP A 203 -2.29 9.82 -17.75
CA ASP A 203 -3.13 8.92 -16.97
C ASP A 203 -2.34 8.08 -15.94
N TRP A 204 -1.01 8.23 -15.90
CA TRP A 204 -0.21 7.78 -14.75
C TRP A 204 -0.12 8.92 -13.74
N LYS A 205 -0.36 8.61 -12.47
CA LYS A 205 -0.29 9.57 -11.36
C LYS A 205 1.14 9.68 -10.86
N VAL A 206 1.56 10.89 -10.49
CA VAL A 206 2.96 11.18 -10.09
C VAL A 206 3.06 12.09 -8.85
N ILE A 207 3.83 11.64 -7.86
CA ILE A 207 4.25 12.48 -6.75
C ILE A 207 5.76 12.54 -6.83
N ASP A 208 6.37 13.67 -6.42
CA ASP A 208 7.82 13.81 -6.56
C ASP A 208 8.49 14.86 -5.68
N LYS A 209 9.80 14.68 -5.53
CA LYS A 209 10.68 15.66 -4.95
C LYS A 209 11.92 15.78 -5.80
N THR A 210 12.16 16.97 -6.33
CA THR A 210 13.32 17.29 -7.17
C THR A 210 14.57 17.66 -6.33
N GLY A 211 15.69 17.80 -7.02
CA GLY A 211 16.89 18.38 -6.47
C GLY A 211 17.62 19.12 -7.57
N THR A 212 18.37 20.15 -7.22
CA THR A 212 19.19 20.87 -8.20
C THR A 212 20.36 21.46 -7.43
N GLY A 213 21.50 21.61 -8.10
CA GLY A 213 22.68 22.10 -7.41
C GLY A 213 23.84 22.32 -8.35
N ASP A 214 24.99 22.59 -7.78
CA ASP A 214 26.17 22.98 -8.57
C ASP A 214 26.77 21.80 -9.31
N TYR A 215 27.70 22.10 -10.21
CA TYR A 215 28.23 21.09 -11.17
C TYR A 215 27.13 20.45 -12.02
N GLY A 216 26.06 21.19 -12.29
CA GLY A 216 24.98 20.72 -13.14
C GLY A 216 24.12 19.62 -12.58
N ARG A 217 24.02 19.56 -11.25
CA ARG A 217 23.22 18.53 -10.58
C ARG A 217 21.75 18.74 -10.78
N ALA A 218 21.07 17.68 -11.18
CA ALA A 218 19.63 17.66 -11.26
C ALA A 218 19.17 16.28 -10.82
N ASN A 219 18.24 16.26 -9.87
CA ASN A 219 17.66 15.02 -9.38
C ASN A 219 16.15 15.06 -9.46
N ASP A 220 15.54 13.89 -9.49
CA ASP A 220 14.12 13.77 -9.20
C ASP A 220 13.89 12.40 -8.59
N ILE A 221 13.15 12.36 -7.49
CA ILE A 221 12.65 11.08 -6.99
C ILE A 221 11.13 11.08 -7.00
N ALA A 222 10.53 10.00 -7.46
CA ALA A 222 9.09 9.95 -7.59
C ALA A 222 8.55 8.60 -7.20
N VAL A 223 7.26 8.60 -6.95
CA VAL A 223 6.44 7.42 -6.90
C VAL A 223 5.37 7.64 -7.96
N VAL A 224 5.20 6.64 -8.83
CA VAL A 224 4.25 6.74 -9.95
C VAL A 224 3.23 5.61 -9.90
N TRP A 225 2.01 5.89 -10.35
CA TRP A 225 0.92 4.91 -10.36
C TRP A 225 0.44 4.65 -11.77
N SER A 226 0.27 3.37 -12.13
CA SER A 226 -0.34 3.02 -13.39
C SER A 226 -1.81 3.45 -13.37
N PRO A 227 -2.46 3.54 -14.55
CA PRO A 227 -3.90 3.87 -14.57
C PRO A 227 -4.77 2.94 -13.70
N THR A 228 -4.35 1.68 -13.58
CA THR A 228 -5.00 0.72 -12.70
C THR A 228 -4.40 0.65 -11.26
N GLY A 229 -3.69 1.71 -10.85
CA GLY A 229 -3.16 1.84 -9.48
C GLY A 229 -1.94 1.03 -9.11
N VAL A 230 -1.23 0.45 -10.09
CA VAL A 230 0.00 -0.30 -9.81
C VAL A 230 1.17 0.69 -9.60
N PRO A 231 1.81 0.65 -8.42
CA PRO A 231 2.80 1.67 -8.09
C PRO A 231 4.22 1.28 -8.41
N TYR A 232 5.03 2.27 -8.74
CA TYR A 232 6.45 2.09 -8.93
C TYR A 232 7.20 3.26 -8.30
N VAL A 233 8.41 2.98 -7.84
CA VAL A 233 9.33 4.02 -7.41
C VAL A 233 10.34 4.34 -8.52
N VAL A 234 10.56 5.63 -8.77
CA VAL A 234 11.53 6.07 -9.78
C VAL A 234 12.55 7.04 -9.14
N ALA A 235 13.83 6.69 -9.20
CA ALA A 235 14.89 7.57 -8.80
C ALA A 235 15.78 7.87 -9.99
N VAL A 236 15.90 9.15 -10.34
CA VAL A 236 16.73 9.61 -11.44
C VAL A 236 17.59 10.76 -10.95
N MET A 237 18.91 10.60 -11.06
CA MET A 237 19.87 11.57 -10.56
C MET A 237 20.94 11.83 -11.59
N SER A 238 21.42 13.08 -11.67
CA SER A 238 22.48 13.44 -12.61
C SER A 238 23.37 14.59 -12.14
N ASP A 239 24.58 14.64 -12.70
CA ASP A 239 25.47 15.80 -12.59
C ASP A 239 26.26 15.99 -13.91
N ARG A 240 26.98 17.10 -14.02
CA ARG A 240 27.70 17.54 -15.23
C ARG A 240 29.05 18.21 -14.87
N ALA A 241 29.88 17.51 -14.10
CA ALA A 241 31.15 18.09 -13.56
C ALA A 241 32.09 18.75 -14.58
N GLY A 242 32.03 18.28 -15.84
CA GLY A 242 32.79 18.84 -16.97
C GLY A 242 32.64 20.33 -17.14
N GLY A 243 31.46 20.88 -16.84
CA GLY A 243 31.25 22.33 -16.97
C GLY A 243 31.71 23.20 -15.81
N GLY A 244 32.29 22.59 -14.78
CA GLY A 244 32.66 23.29 -13.56
C GLY A 244 31.48 23.45 -12.63
N TYR A 245 31.76 24.04 -11.46
CA TYR A 245 30.75 24.37 -10.44
C TYR A 245 29.52 25.15 -10.97
N ASP A 246 29.65 25.88 -12.07
CA ASP A 246 28.55 26.69 -12.58
C ASP A 246 27.81 26.05 -13.77
N ALA A 247 28.00 24.75 -13.97
CA ALA A 247 27.53 24.04 -15.17
C ALA A 247 26.01 23.91 -15.20
N GLU A 248 25.47 23.90 -16.41
CA GLU A 248 24.02 23.88 -16.64
C GLU A 248 23.49 22.50 -16.31
N PRO A 249 22.51 22.41 -15.41
CA PRO A 249 21.78 21.17 -15.22
C PRO A 249 20.77 20.93 -16.34
N ARG A 250 20.42 19.68 -16.62
CA ARG A 250 19.56 19.33 -17.75
C ARG A 250 18.33 18.56 -17.30
N GLU A 251 17.25 19.31 -17.07
CA GLU A 251 15.94 18.73 -16.80
C GLU A 251 15.52 17.78 -17.89
N ALA A 252 15.87 18.10 -19.13
CA ALA A 252 15.52 17.25 -20.26
C ALA A 252 16.12 15.87 -20.10
N LEU A 253 17.35 15.80 -19.61
CA LEU A 253 18.01 14.53 -19.31
C LEU A 253 17.18 13.65 -18.40
N LEU A 254 16.54 14.24 -17.41
CA LEU A 254 15.69 13.48 -16.48
C LEU A 254 14.36 13.04 -17.12
N ALA A 255 13.76 13.92 -17.92
CA ALA A 255 12.53 13.59 -18.62
C ALA A 255 12.75 12.45 -19.64
N GLU A 256 13.89 12.47 -20.32
CA GLU A 256 14.28 11.37 -21.20
C GLU A 256 14.43 10.02 -20.48
N ALA A 257 15.12 10.05 -19.36
CA ALA A 257 15.32 8.86 -18.53
C ALA A 257 13.99 8.28 -18.08
N ALA A 258 13.15 9.12 -17.50
CA ALA A 258 11.81 8.76 -17.09
C ALA A 258 10.96 8.21 -18.24
N THR A 259 11.18 8.72 -19.43
CA THR A 259 10.53 8.20 -20.64
C THR A 259 11.00 6.78 -20.97
N CYS A 260 12.31 6.50 -20.82
CA CYS A 260 12.81 5.13 -21.03
C CYS A 260 12.13 4.15 -20.07
N VAL A 261 12.06 4.58 -18.81
CA VAL A 261 11.49 3.80 -17.72
C VAL A 261 9.99 3.60 -17.93
N ALA A 262 9.30 4.70 -18.19
CA ALA A 262 7.88 4.65 -18.49
C ALA A 262 7.65 3.67 -19.65
N GLY A 263 8.49 3.77 -20.69
CA GLY A 263 8.46 2.84 -21.83
C GLY A 263 8.46 1.39 -21.39
N VAL A 264 9.43 1.01 -20.58
CA VAL A 264 9.53 -0.35 -20.01
C VAL A 264 8.25 -0.72 -19.21
N LEU A 265 7.95 0.06 -18.17
CA LEU A 265 6.87 -0.25 -17.20
C LEU A 265 5.44 -0.35 -17.79
N ALA A 266 5.19 0.32 -18.93
CA ALA A 266 3.86 0.47 -19.52
C ALA A 266 3.57 -0.42 -20.72
N LEU A 267 4.61 -0.85 -21.43
CA LEU A 267 4.44 -1.76 -22.59
C LEU A 267 4.24 -3.19 -22.05
N GLU A 268 3.16 -3.83 -22.49
CA GLU A 268 2.55 -4.94 -21.76
C GLU A 268 2.83 -6.34 -22.30
N HIS A 269 3.21 -6.45 -23.58
CA HIS A 269 3.70 -7.74 -24.11
C HIS A 269 2.92 -9.05 -23.72
N HIS A 270 1.65 -9.13 -24.11
CA HIS A 270 0.78 -10.23 -23.72
C HIS A 270 1.14 -11.60 -24.36
N ASP B 2 -23.61 2.00 24.24
CA ASP B 2 -22.89 1.03 25.11
C ASP B 2 -22.08 0.08 24.24
N LEU B 3 -22.68 -0.43 23.17
CA LEU B 3 -22.05 -1.45 22.30
C LEU B 3 -20.81 -0.95 21.60
N ALA B 4 -20.82 0.30 21.15
CA ALA B 4 -19.62 0.95 20.64
C ALA B 4 -18.52 0.97 21.72
N ASP B 5 -18.89 1.31 22.96
CA ASP B 5 -17.94 1.31 24.06
C ASP B 5 -17.41 -0.08 24.42
N ARG B 6 -18.27 -1.09 24.31
CA ARG B 6 -17.84 -2.48 24.45
C ARG B 6 -16.81 -2.83 23.37
N PHE B 7 -17.08 -2.44 22.13
CA PHE B 7 -16.10 -2.64 21.06
C PHE B 7 -14.83 -1.85 21.27
N ALA B 8 -14.95 -0.62 21.74
CA ALA B 8 -13.78 0.23 22.00
C ALA B 8 -12.83 -0.44 22.99
N GLU B 9 -13.40 -1.14 23.97
CA GLU B 9 -12.63 -1.82 25.01
C GLU B 9 -11.88 -3.01 24.42
N LEU B 10 -12.55 -3.75 23.54
CA LEU B 10 -11.89 -4.81 22.79
C LEU B 10 -10.65 -4.27 22.08
N GLU B 11 -10.77 -3.08 21.50
CA GLU B 11 -9.67 -2.49 20.74
C GLU B 11 -8.49 -2.13 21.61
N ARG B 12 -8.76 -1.40 22.70
CA ARG B 12 -7.76 -1.07 23.72
C ARG B 12 -7.00 -2.32 24.23
N ARG B 13 -7.74 -3.39 24.48
CA ARG B 13 -7.20 -4.58 25.11
C ARG B 13 -6.34 -5.39 24.16
N TYR B 14 -6.79 -5.51 22.92
CA TYR B 14 -6.09 -6.32 21.92
C TYR B 14 -5.12 -5.49 21.11
N ASP B 15 -5.00 -4.20 21.41
CA ASP B 15 -4.09 -3.29 20.69
C ASP B 15 -4.31 -3.48 19.20
N ALA B 16 -5.49 -3.09 18.75
CA ALA B 16 -6.01 -3.51 17.46
C ALA B 16 -7.16 -2.63 17.00
N ARG B 17 -7.33 -2.52 15.68
CA ARG B 17 -8.50 -1.91 15.07
C ARG B 17 -9.51 -3.01 14.64
N LEU B 18 -10.81 -2.74 14.89
CA LEU B 18 -11.87 -3.74 14.73
C LEU B 18 -12.95 -3.18 13.84
N GLY B 19 -13.41 -3.98 12.87
CA GLY B 19 -14.52 -3.63 12.00
C GLY B 19 -15.60 -4.69 12.13
N VAL B 20 -16.84 -4.26 12.34
CA VAL B 20 -18.00 -5.15 12.52
C VAL B 20 -19.18 -4.61 11.72
N TYR B 21 -19.89 -5.49 11.01
CA TYR B 21 -21.17 -5.09 10.41
C TYR B 21 -22.15 -6.23 10.42
N VAL B 22 -23.34 -5.99 10.96
CA VAL B 22 -24.46 -6.90 10.78
C VAL B 22 -25.56 -6.07 10.19
N PRO B 23 -26.00 -6.37 8.95
CA PRO B 23 -27.15 -5.68 8.35
C PRO B 23 -28.41 -5.77 9.19
N ALA B 24 -29.27 -4.76 9.05
CA ALA B 24 -30.60 -4.79 9.62
C ALA B 24 -31.40 -5.88 8.93
N THR B 25 -32.32 -6.48 9.66
CA THR B 25 -33.24 -7.49 9.13
C THR B 25 -34.60 -6.82 9.14
N GLY B 26 -35.68 -7.59 9.01
CA GLY B 26 -37.02 -7.10 9.39
C GLY B 26 -37.15 -6.68 10.87
N THR B 27 -36.62 -7.50 11.78
CA THR B 27 -36.82 -7.32 13.22
C THR B 27 -35.73 -6.54 13.99
N THR B 28 -34.56 -6.34 13.38
CA THR B 28 -33.40 -5.76 14.07
C THR B 28 -32.77 -4.63 13.28
N ALA B 29 -32.16 -3.71 14.01
CA ALA B 29 -31.32 -2.67 13.41
C ALA B 29 -29.96 -3.27 13.02
N ALA B 30 -29.23 -2.49 12.24
CA ALA B 30 -27.91 -2.88 11.79
C ALA B 30 -26.92 -2.63 12.90
N ILE B 31 -25.98 -3.54 13.09
CA ILE B 31 -24.88 -3.35 14.03
C ILE B 31 -23.67 -2.86 13.24
N GLU B 32 -23.08 -1.75 13.68
CA GLU B 32 -21.96 -1.13 12.98
C GLU B 32 -20.91 -0.65 13.96
N TYR B 33 -19.65 -0.90 13.62
CA TYR B 33 -18.52 -0.27 14.27
C TYR B 33 -17.38 -0.22 13.26
N ARG B 34 -17.03 0.99 12.82
CA ARG B 34 -16.09 1.20 11.71
C ARG B 34 -16.46 0.41 10.45
N ALA B 35 -17.76 0.29 10.19
CA ALA B 35 -18.25 -0.53 9.09
C ALA B 35 -17.76 -0.05 7.72
N ASP B 36 -17.53 1.25 7.57
CA ASP B 36 -17.08 1.81 6.28
C ASP B 36 -15.61 2.18 6.20
N GLU B 37 -14.84 1.84 7.26
CA GLU B 37 -13.39 1.85 7.18
C GLU B 37 -12.90 0.64 6.39
N ARG B 38 -11.81 0.83 5.66
CA ARG B 38 -11.21 -0.23 4.83
C ARG B 38 -10.34 -1.18 5.65
N PHE B 39 -10.45 -2.45 5.30
CA PHE B 39 -9.71 -3.51 5.94
C PHE B 39 -9.28 -4.43 4.82
N ALA B 40 -8.09 -4.99 4.94
CA ALA B 40 -7.60 -5.98 4.00
C ALA B 40 -8.58 -7.12 3.89
N PHE B 41 -8.96 -7.45 2.66
CA PHE B 41 -9.66 -8.71 2.34
C PHE B 41 -9.01 -9.96 2.95
N CYS B 42 -7.74 -10.18 2.61
CA CYS B 42 -7.05 -11.46 2.87
C CYS B 42 -7.87 -12.56 2.19
N SER B 43 -7.97 -13.76 2.76
CA SER B 43 -8.60 -14.88 2.05
C SER B 43 -10.13 -14.76 1.96
N THR B 44 -10.75 -13.76 2.61
CA THR B 44 -12.22 -13.64 2.62
C THR B 44 -12.80 -13.44 1.23
N PHE B 45 -12.00 -12.86 0.32
CA PHE B 45 -12.36 -12.73 -1.12
C PHE B 45 -12.68 -14.08 -1.80
N LYS B 46 -12.07 -15.17 -1.33
CA LYS B 46 -12.28 -16.51 -1.91
C LYS B 46 -13.75 -16.97 -1.92
N ALA B 47 -14.58 -16.40 -1.03
CA ALA B 47 -16.02 -16.72 -1.01
C ALA B 47 -16.72 -16.14 -2.24
N PRO B 48 -16.71 -14.80 -2.38
CA PRO B 48 -17.33 -14.23 -3.57
C PRO B 48 -16.64 -14.64 -4.87
N LEU B 49 -15.37 -15.03 -4.79
CA LEU B 49 -14.65 -15.56 -5.95
C LEU B 49 -15.26 -16.86 -6.43
N VAL B 50 -15.61 -17.76 -5.51
CA VAL B 50 -16.26 -19.02 -5.87
C VAL B 50 -17.65 -18.78 -6.43
N ALA B 51 -18.38 -17.81 -5.89
CA ALA B 51 -19.65 -17.39 -6.47
C ALA B 51 -19.49 -16.91 -7.93
N ALA B 52 -18.41 -16.18 -8.18
CA ALA B 52 -18.15 -15.59 -9.50
C ALA B 52 -17.87 -16.66 -10.55
N VAL B 53 -17.09 -17.68 -10.19
CA VAL B 53 -16.87 -18.82 -11.07
C VAL B 53 -18.16 -19.61 -11.23
N LEU B 54 -18.88 -19.83 -10.12
CA LEU B 54 -20.17 -20.54 -10.19
C LEU B 54 -21.14 -19.85 -11.13
N HIS B 55 -21.24 -18.52 -11.01
CA HIS B 55 -22.20 -17.75 -11.80
C HIS B 55 -21.92 -17.72 -13.32
N GLN B 56 -20.65 -17.52 -13.71
CA GLN B 56 -20.24 -17.41 -15.12
C GLN B 56 -20.36 -18.73 -15.93
N ASN B 57 -20.50 -19.88 -15.26
CA ASN B 57 -20.40 -21.18 -15.92
C ASN B 57 -21.49 -22.13 -15.49
N PRO B 58 -21.86 -23.07 -16.37
CA PRO B 58 -22.71 -24.17 -15.92
C PRO B 58 -22.00 -25.11 -14.94
N LEU B 59 -22.77 -25.91 -14.21
CA LEU B 59 -22.24 -26.88 -13.22
C LEU B 59 -21.24 -27.88 -13.82
N THR B 60 -21.44 -28.17 -15.11
CA THR B 60 -20.52 -28.94 -15.92
C THR B 60 -19.05 -28.47 -15.81
N HIS B 61 -18.85 -27.15 -15.74
CA HIS B 61 -17.52 -26.53 -15.65
C HIS B 61 -16.68 -26.94 -14.41
N LEU B 62 -17.36 -27.36 -13.34
CA LEU B 62 -16.72 -27.89 -12.12
C LEU B 62 -16.02 -29.23 -12.31
N ASP B 63 -16.29 -29.91 -13.42
CA ASP B 63 -15.60 -31.15 -13.80
C ASP B 63 -14.41 -30.92 -14.75
N LYS B 64 -14.07 -29.66 -15.02
CA LYS B 64 -12.94 -29.34 -15.87
C LYS B 64 -11.66 -29.49 -15.07
N LEU B 65 -10.83 -30.43 -15.52
CA LEU B 65 -9.54 -30.68 -14.93
C LEU B 65 -8.64 -29.51 -15.33
N ILE B 66 -7.98 -28.91 -14.33
CA ILE B 66 -7.00 -27.86 -14.55
C ILE B 66 -5.67 -28.45 -14.17
N THR B 67 -4.73 -28.44 -15.09
CA THR B 67 -3.39 -28.91 -14.78
C THR B 67 -2.53 -27.67 -14.53
N TYR B 68 -1.52 -27.87 -13.71
CA TYR B 68 -0.64 -26.80 -13.32
C TYR B 68 0.70 -27.45 -12.97
N THR B 69 1.69 -26.65 -12.57
CA THR B 69 3.00 -27.19 -12.21
C THR B 69 3.42 -26.66 -10.86
N SER B 70 4.57 -27.10 -10.37
CA SER B 70 5.23 -26.49 -9.22
C SER B 70 5.51 -24.97 -9.40
N ASP B 71 5.64 -24.51 -10.66
CA ASP B 71 5.73 -23.08 -11.00
C ASP B 71 4.57 -22.26 -10.39
N ASP B 72 3.37 -22.83 -10.47
CA ASP B 72 2.14 -22.16 -10.02
C ASP B 72 1.99 -22.00 -8.50
N ILE B 73 2.74 -22.79 -7.73
CA ILE B 73 2.65 -22.76 -6.26
C ILE B 73 3.56 -21.70 -5.66
N ARG B 74 2.97 -20.54 -5.34
CA ARG B 74 3.71 -19.39 -4.77
C ARG B 74 3.26 -18.99 -3.36
N SER B 75 2.42 -19.81 -2.75
CA SER B 75 1.92 -19.57 -1.39
C SER B 75 1.53 -20.91 -0.73
N ILE B 76 1.19 -20.87 0.56
CA ILE B 76 0.68 -22.04 1.27
C ILE B 76 -0.55 -22.61 0.55
N SER B 77 -0.40 -23.85 0.12
CA SER B 77 -1.33 -24.56 -0.72
C SER B 77 -1.35 -25.99 -0.23
N PRO B 78 -2.03 -26.25 0.91
CA PRO B 78 -2.03 -27.61 1.47
C PRO B 78 -2.70 -28.66 0.58
N VAL B 79 -3.67 -28.27 -0.24
CA VAL B 79 -4.33 -29.20 -1.17
C VAL B 79 -3.66 -29.20 -2.55
N ALA B 80 -3.32 -28.01 -3.07
CA ALA B 80 -2.80 -27.92 -4.44
C ALA B 80 -1.42 -28.57 -4.58
N GLN B 81 -0.65 -28.53 -3.50
CA GLN B 81 0.62 -29.26 -3.42
C GLN B 81 0.40 -30.78 -3.52
N GLN B 82 -0.58 -31.30 -2.80
CA GLN B 82 -0.88 -32.72 -2.90
C GLN B 82 -1.28 -33.17 -4.31
N HIS B 83 -1.88 -32.29 -5.11
CA HIS B 83 -2.38 -32.68 -6.43
C HIS B 83 -1.61 -32.10 -7.62
N VAL B 84 -0.39 -31.60 -7.37
CA VAL B 84 0.40 -30.89 -8.40
C VAL B 84 0.60 -31.65 -9.72
N GLN B 85 0.74 -32.98 -9.65
CA GLN B 85 1.10 -33.83 -10.80
C GLN B 85 -0.12 -34.42 -11.53
N THR B 86 -1.19 -34.69 -10.80
CA THR B 86 -2.42 -35.27 -11.38
C THR B 86 -3.41 -34.18 -11.81
N GLY B 87 -3.22 -32.95 -11.31
CA GLY B 87 -4.14 -31.84 -11.55
C GLY B 87 -5.28 -31.84 -10.56
N MET B 88 -5.99 -30.72 -10.49
CA MET B 88 -7.23 -30.56 -9.71
C MET B 88 -8.38 -30.03 -10.57
N THR B 89 -9.60 -30.49 -10.32
CA THR B 89 -10.76 -29.98 -11.06
C THR B 89 -11.20 -28.64 -10.50
N ILE B 90 -11.92 -27.88 -11.29
CA ILE B 90 -12.45 -26.56 -10.86
C ILE B 90 -13.26 -26.67 -9.56
N GLY B 91 -14.00 -27.77 -9.38
CA GLY B 91 -14.79 -27.99 -8.17
C GLY B 91 -13.90 -28.23 -6.98
N GLN B 92 -12.88 -29.06 -7.17
CA GLN B 92 -11.86 -29.32 -6.16
C GLN B 92 -11.18 -28.03 -5.74
N LEU B 93 -10.90 -27.18 -6.73
CA LEU B 93 -10.26 -25.90 -6.48
C LEU B 93 -11.11 -25.01 -5.56
N CYS B 94 -12.41 -24.93 -5.84
CA CYS B 94 -13.35 -24.18 -5.02
C CYS B 94 -13.41 -24.81 -3.67
N ASP B 95 -13.44 -26.14 -3.63
CA ASP B 95 -13.41 -26.86 -2.36
C ASP B 95 -12.24 -26.35 -1.53
N ALA B 96 -11.03 -26.45 -2.10
CA ALA B 96 -9.77 -26.09 -1.41
C ALA B 96 -9.69 -24.61 -1.01
N ALA B 97 -10.13 -23.75 -1.91
CA ALA B 97 -10.11 -22.30 -1.68
C ALA B 97 -10.92 -21.92 -0.46
N ILE B 98 -12.13 -22.47 -0.35
CA ILE B 98 -13.01 -22.14 0.76
C ILE B 98 -12.58 -22.87 2.05
N ARG B 99 -12.43 -24.18 1.99
CA ARG B 99 -12.29 -24.98 3.22
C ARG B 99 -10.87 -24.98 3.80
N TYR B 100 -9.87 -24.83 2.93
CA TYR B 100 -8.46 -24.80 3.37
C TYR B 100 -7.75 -23.47 3.14
N SER B 101 -8.45 -22.50 2.55
CA SER B 101 -7.84 -21.22 2.22
C SER B 101 -6.58 -21.41 1.32
N ASP B 102 -6.67 -22.36 0.38
CA ASP B 102 -5.51 -22.73 -0.48
C ASP B 102 -5.24 -21.57 -1.43
N GLY B 103 -4.01 -21.07 -1.42
CA GLY B 103 -3.66 -19.87 -2.19
C GLY B 103 -3.52 -20.12 -3.67
N THR B 104 -2.89 -21.26 -4.01
CA THR B 104 -2.80 -21.68 -5.41
C THR B 104 -4.18 -21.92 -5.98
N ALA B 105 -5.04 -22.62 -5.24
CA ALA B 105 -6.42 -22.82 -5.65
C ALA B 105 -7.11 -21.48 -5.99
N ALA B 106 -6.94 -20.49 -5.13
CA ALA B 106 -7.54 -19.19 -5.36
C ALA B 106 -6.99 -18.51 -6.63
N ASN B 107 -5.68 -18.65 -6.85
CA ASN B 107 -5.03 -18.04 -8.02
C ASN B 107 -5.44 -18.72 -9.33
N LEU B 108 -5.78 -20.00 -9.29
CA LEU B 108 -6.29 -20.69 -10.47
C LEU B 108 -7.74 -20.26 -10.80
N LEU B 109 -8.55 -20.09 -9.77
CA LEU B 109 -9.90 -19.61 -9.96
C LEU B 109 -9.91 -18.17 -10.52
N LEU B 110 -8.93 -17.36 -10.12
CA LEU B 110 -8.78 -16.02 -10.68
C LEU B 110 -8.46 -16.06 -12.16
N ALA B 111 -7.55 -16.97 -12.53
CA ALA B 111 -7.22 -17.25 -13.94
C ALA B 111 -8.40 -17.80 -14.74
N ASP B 112 -9.09 -18.79 -14.17
CA ASP B 112 -10.30 -19.29 -14.79
C ASP B 112 -11.32 -18.18 -14.98
N LEU B 113 -11.41 -17.28 -14.05
CA LEU B 113 -12.40 -16.27 -14.20
C LEU B 113 -12.09 -15.18 -15.18
N GLY B 114 -10.87 -14.67 -15.13
CA GLY B 114 -10.42 -13.55 -15.98
C GLY B 114 -9.18 -13.77 -16.86
N GLY B 115 -8.72 -15.00 -17.00
CA GLY B 115 -7.50 -15.29 -17.74
C GLY B 115 -6.23 -14.97 -16.97
N PRO B 116 -5.06 -15.22 -17.58
CA PRO B 116 -3.84 -15.05 -16.80
C PRO B 116 -3.41 -13.61 -16.53
N GLY B 117 -3.99 -12.60 -17.18
CA GLY B 117 -3.67 -11.19 -16.83
C GLY B 117 -4.63 -10.51 -15.84
N GLY B 118 -5.88 -10.93 -15.84
CA GLY B 118 -6.98 -10.09 -15.41
C GLY B 118 -7.98 -10.72 -14.46
N GLY B 119 -7.52 -11.65 -13.63
CA GLY B 119 -8.38 -12.28 -12.62
C GLY B 119 -8.87 -11.35 -11.50
N THR B 120 -8.04 -10.39 -11.13
CA THR B 120 -8.34 -9.41 -10.07
C THR B 120 -9.38 -8.41 -10.56
N ALA B 121 -9.13 -7.92 -11.78
CA ALA B 121 -10.08 -7.06 -12.50
C ALA B 121 -11.42 -7.76 -12.62
N ALA B 122 -11.39 -9.00 -13.05
CA ALA B 122 -12.62 -9.79 -13.20
C ALA B 122 -13.34 -10.10 -11.90
N PHE B 123 -12.60 -10.32 -10.81
CA PHE B 123 -13.22 -10.57 -9.51
C PHE B 123 -13.86 -9.28 -8.97
N THR B 124 -13.12 -8.18 -9.04
CA THR B 124 -13.63 -6.88 -8.62
C THR B 124 -14.91 -6.54 -9.38
N GLY B 125 -14.99 -6.95 -10.63
CA GLY B 125 -16.15 -6.71 -11.45
C GLY B 125 -17.40 -7.50 -11.11
N TYR B 126 -17.22 -8.70 -10.57
CA TYR B 126 -18.34 -9.47 -10.04
C TYR B 126 -18.93 -8.75 -8.82
N LEU B 127 -18.08 -8.15 -8.00
CA LEU B 127 -18.54 -7.33 -6.88
C LEU B 127 -19.28 -6.08 -7.34
N ARG B 128 -18.75 -5.47 -8.40
CA ARG B 128 -19.42 -4.31 -9.03
C ARG B 128 -20.77 -4.73 -9.54
N SER B 129 -20.84 -5.92 -10.16
CA SER B 129 -22.13 -6.43 -10.65
C SER B 129 -23.11 -6.57 -9.51
N LEU B 130 -22.60 -6.88 -8.30
CA LEU B 130 -23.42 -7.00 -7.08
C LEU B 130 -23.65 -5.72 -6.30
N GLY B 131 -23.36 -4.56 -6.90
CA GLY B 131 -23.70 -3.25 -6.32
C GLY B 131 -22.70 -2.71 -5.28
N ASP B 132 -21.60 -3.42 -5.11
CA ASP B 132 -20.47 -2.95 -4.30
C ASP B 132 -19.54 -2.13 -5.23
N THR B 133 -19.53 -0.81 -5.04
CA THR B 133 -18.58 0.08 -5.73
C THR B 133 -17.28 0.37 -4.95
N VAL B 134 -17.18 -0.14 -3.72
CA VAL B 134 -16.14 0.25 -2.76
C VAL B 134 -14.97 -0.73 -2.74
N SER B 135 -15.28 -2.02 -2.57
CA SER B 135 -14.24 -3.11 -2.56
C SER B 135 -13.38 -3.12 -3.81
N ARG B 136 -12.17 -3.68 -3.67
CA ARG B 136 -11.22 -3.83 -4.78
C ARG B 136 -10.16 -4.92 -4.52
N LEU B 137 -9.91 -5.76 -5.54
CA LEU B 137 -8.80 -6.71 -5.52
C LEU B 137 -7.82 -6.33 -6.63
N ASP B 138 -6.55 -6.15 -6.22
CA ASP B 138 -5.46 -5.68 -7.09
C ASP B 138 -4.30 -6.66 -7.30
N ALA B 139 -4.27 -7.76 -6.53
CA ALA B 139 -3.16 -8.71 -6.53
C ALA B 139 -3.65 -10.12 -6.24
N GLU B 140 -2.81 -11.08 -6.58
CA GLU B 140 -3.04 -12.48 -6.27
C GLU B 140 -2.31 -12.87 -4.97
N GLU B 141 -2.49 -14.12 -4.57
CA GLU B 141 -1.79 -14.70 -3.42
C GLU B 141 -0.31 -14.93 -3.72
N PRO B 142 0.60 -14.67 -2.75
CA PRO B 142 0.29 -14.22 -1.40
C PRO B 142 0.34 -12.70 -1.21
N GLU B 143 0.66 -11.93 -2.26
CA GLU B 143 0.97 -10.49 -2.13
C GLU B 143 -0.22 -9.65 -1.62
N LEU B 144 -1.43 -10.12 -1.91
CA LEU B 144 -2.65 -9.46 -1.44
C LEU B 144 -2.75 -9.39 0.09
N ASN B 145 -2.13 -10.36 0.75
CA ASN B 145 -2.11 -10.42 2.20
C ASN B 145 -1.08 -9.44 2.81
N ARG B 146 -0.30 -8.71 1.98
CA ARG B 146 0.92 -8.03 2.45
C ARG B 146 1.03 -6.51 2.20
N ASP B 147 -0.07 -5.84 1.84
CA ASP B 147 -0.05 -4.39 1.66
C ASP B 147 0.05 -3.72 3.02
N PRO B 148 0.69 -2.54 3.11
CA PRO B 148 0.69 -1.78 4.38
C PRO B 148 -0.71 -1.32 4.87
N PRO B 149 -0.84 -1.01 6.17
CA PRO B 149 -2.05 -0.38 6.69
C PRO B 149 -2.31 0.92 5.97
N GLY B 150 -3.56 1.13 5.53
CA GLY B 150 -3.96 2.37 4.88
C GLY B 150 -3.83 2.40 3.37
N ASP B 151 -3.20 1.37 2.80
CA ASP B 151 -3.20 1.16 1.36
C ASP B 151 -4.59 0.64 1.01
N GLU B 152 -5.25 1.30 0.07
CA GLU B 152 -6.57 0.88 -0.36
C GLU B 152 -6.56 -0.44 -1.14
N ARG B 153 -5.40 -0.85 -1.65
CA ARG B 153 -5.33 -2.01 -2.48
C ARG B 153 -5.70 -3.24 -1.67
N ASP B 154 -6.49 -4.12 -2.30
CA ASP B 154 -6.91 -5.40 -1.71
C ASP B 154 -7.71 -5.23 -0.43
N THR B 155 -8.44 -4.11 -0.35
CA THR B 155 -9.33 -3.81 0.77
C THR B 155 -10.80 -4.01 0.45
N THR B 156 -11.58 -4.19 1.49
CA THR B 156 -13.03 -4.13 1.45
C THR B 156 -13.38 -3.40 2.74
N THR B 157 -14.66 -3.33 3.07
CA THR B 157 -15.11 -2.82 4.37
C THR B 157 -16.12 -3.82 4.92
N PRO B 158 -16.22 -3.95 6.26
CA PRO B 158 -17.21 -4.89 6.84
C PRO B 158 -18.64 -4.75 6.21
N HIS B 159 -19.07 -3.49 6.08
CA HIS B 159 -20.28 -3.08 5.36
C HIS B 159 -20.43 -3.74 4.00
N ALA B 160 -19.47 -3.46 3.11
CA ALA B 160 -19.57 -3.92 1.72
C ALA B 160 -19.63 -5.44 1.64
N ILE B 161 -18.65 -6.08 2.27
CA ILE B 161 -18.51 -7.53 2.11
C ILE B 161 -19.69 -8.31 2.68
N ALA B 162 -20.29 -7.83 3.77
CA ALA B 162 -21.53 -8.45 4.29
C ALA B 162 -22.66 -8.37 3.25
N LEU B 163 -22.89 -7.16 2.74
CA LEU B 163 -23.96 -6.94 1.79
C LEU B 163 -23.77 -7.83 0.57
N VAL B 164 -22.52 -8.11 0.22
CA VAL B 164 -22.22 -9.04 -0.86
C VAL B 164 -22.55 -10.46 -0.44
N LEU B 165 -22.07 -10.87 0.73
CA LEU B 165 -22.34 -12.21 1.25
C LEU B 165 -23.84 -12.47 1.41
N GLN B 166 -24.56 -11.43 1.82
CA GLN B 166 -26.00 -11.47 1.98
C GLN B 166 -26.64 -11.88 0.69
N GLN B 167 -26.33 -11.13 -0.37
CA GLN B 167 -26.77 -11.44 -1.75
C GLN B 167 -26.42 -12.88 -2.18
N LEU B 168 -25.21 -13.32 -1.83
CA LEU B 168 -24.72 -14.64 -2.25
C LEU B 168 -25.44 -15.76 -1.55
N VAL B 169 -25.62 -15.61 -0.24
CA VAL B 169 -26.11 -16.70 0.60
C VAL B 169 -27.60 -16.58 0.92
N LEU B 170 -28.08 -15.35 1.13
CA LEU B 170 -29.48 -15.11 1.46
C LEU B 170 -30.29 -14.41 0.36
N GLY B 171 -29.74 -14.37 -0.86
CA GLY B 171 -30.37 -13.70 -2.00
C GLY B 171 -30.24 -14.54 -3.26
N ASN B 172 -30.64 -13.97 -4.41
CA ASN B 172 -30.72 -14.73 -5.67
C ASN B 172 -29.52 -14.56 -6.62
N ALA B 173 -28.42 -14.00 -6.12
CA ALA B 173 -27.21 -13.85 -6.93
C ALA B 173 -26.69 -15.16 -7.46
N LEU B 174 -27.03 -16.26 -6.78
CA LEU B 174 -26.83 -17.61 -7.30
C LEU B 174 -28.12 -18.42 -7.24
N PRO B 175 -28.38 -19.27 -8.26
CA PRO B 175 -29.51 -20.18 -8.18
C PRO B 175 -29.28 -21.26 -7.12
N PRO B 176 -30.34 -21.97 -6.69
CA PRO B 176 -30.29 -22.95 -5.59
C PRO B 176 -29.29 -24.11 -5.74
N ASP B 177 -29.16 -24.67 -6.95
CA ASP B 177 -28.18 -25.74 -7.20
C ASP B 177 -26.73 -25.25 -6.91
N LYS B 178 -26.44 -24.01 -7.34
CA LYS B 178 -25.11 -23.40 -7.21
C LYS B 178 -24.85 -22.75 -5.84
N ARG B 179 -25.89 -22.12 -5.27
CA ARG B 179 -25.83 -21.52 -3.92
C ARG B 179 -25.57 -22.55 -2.84
N ALA B 180 -26.18 -23.72 -3.02
CA ALA B 180 -26.06 -24.80 -2.04
C ALA B 180 -24.63 -25.27 -1.96
N LEU B 181 -23.95 -25.37 -3.10
CA LEU B 181 -22.54 -25.80 -3.16
C LEU B 181 -21.56 -24.86 -2.43
N LEU B 182 -21.72 -23.56 -2.65
CA LEU B 182 -21.02 -22.51 -1.87
C LEU B 182 -21.26 -22.67 -0.36
N THR B 183 -22.52 -22.83 0.01
CA THR B 183 -22.95 -22.95 1.40
C THR B 183 -22.39 -24.22 2.03
N ASP B 184 -22.41 -25.32 1.27
CA ASP B 184 -21.85 -26.59 1.74
C ASP B 184 -20.35 -26.42 1.97
N TRP B 185 -19.65 -25.75 1.06
CA TRP B 185 -18.21 -25.53 1.21
C TRP B 185 -17.89 -24.64 2.42
N MET B 186 -18.66 -23.56 2.61
CA MET B 186 -18.48 -22.65 3.76
C MET B 186 -18.88 -23.37 5.06
N ALA B 187 -19.98 -24.11 5.02
CA ALA B 187 -20.40 -24.90 6.15
C ALA B 187 -19.34 -25.90 6.60
N ARG B 188 -18.58 -26.44 5.66
CA ARG B 188 -17.54 -27.41 5.98
C ARG B 188 -16.15 -26.79 6.13
N ASN B 189 -16.07 -25.48 6.37
CA ASN B 189 -14.79 -24.81 6.57
C ASN B 189 -14.01 -25.41 7.76
N THR B 190 -12.68 -25.57 7.58
CA THR B 190 -11.79 -26.11 8.63
C THR B 190 -10.99 -25.05 9.40
N THR B 191 -10.97 -23.81 8.91
CA THR B 191 -10.11 -22.76 9.47
C THR B 191 -10.79 -21.77 10.45
N GLY B 192 -12.09 -21.94 10.72
CA GLY B 192 -12.89 -20.88 11.38
C GLY B 192 -13.45 -21.14 12.77
N ALA B 193 -13.09 -22.26 13.37
CA ALA B 193 -13.68 -22.67 14.66
C ALA B 193 -13.52 -21.59 15.76
N LYS B 194 -12.42 -20.83 15.68
CA LYS B 194 -11.99 -19.90 16.72
C LYS B 194 -12.45 -18.46 16.53
N ARG B 195 -13.29 -18.19 15.55
CA ARG B 195 -13.69 -16.82 15.26
C ARG B 195 -15.19 -16.61 15.45
N ILE B 196 -15.94 -16.28 14.40
CA ILE B 196 -17.39 -16.06 14.54
C ILE B 196 -18.05 -17.28 15.20
N ARG B 197 -17.60 -18.48 14.83
CA ARG B 197 -18.16 -19.73 15.30
C ARG B 197 -18.14 -19.83 16.82
N ALA B 198 -17.02 -19.41 17.40
CA ALA B 198 -16.80 -19.46 18.86
C ALA B 198 -17.72 -18.53 19.64
N GLY B 199 -18.12 -17.43 19.01
CA GLY B 199 -18.98 -16.42 19.64
C GLY B 199 -20.47 -16.69 19.64
N PHE B 200 -20.88 -17.87 19.15
CA PHE B 200 -22.29 -18.19 18.91
C PHE B 200 -22.66 -19.54 19.52
N PRO B 201 -23.82 -19.61 20.19
CA PRO B 201 -24.22 -20.89 20.75
C PRO B 201 -24.31 -22.00 19.70
N ALA B 202 -24.09 -23.24 20.13
CA ALA B 202 -24.02 -24.39 19.24
C ALA B 202 -25.33 -24.67 18.48
N ASP B 203 -26.46 -24.23 19.00
CA ASP B 203 -27.74 -24.40 18.30
C ASP B 203 -28.02 -23.29 17.25
N TRP B 204 -27.10 -22.32 17.13
CA TRP B 204 -27.06 -21.46 15.94
C TRP B 204 -26.16 -22.10 14.88
N LYS B 205 -26.64 -22.17 13.64
CA LYS B 205 -25.87 -22.73 12.50
C LYS B 205 -24.97 -21.64 11.92
N VAL B 206 -23.75 -22.04 11.51
CA VAL B 206 -22.71 -21.09 11.04
C VAL B 206 -21.93 -21.61 9.82
N ILE B 207 -21.88 -20.80 8.76
CA ILE B 207 -20.97 -21.07 7.62
C ILE B 207 -20.06 -19.86 7.56
N ASP B 208 -18.83 -20.05 7.11
CA ASP B 208 -17.87 -18.93 7.15
C ASP B 208 -16.67 -19.02 6.21
N LYS B 209 -16.06 -17.86 5.97
CA LYS B 209 -14.76 -17.79 5.34
C LYS B 209 -13.91 -16.79 6.10
N THR B 210 -12.76 -17.29 6.57
CA THR B 210 -11.80 -16.51 7.32
C THR B 210 -10.80 -15.74 6.41
N GLY B 211 -10.03 -14.86 7.04
CA GLY B 211 -8.90 -14.22 6.40
C GLY B 211 -7.83 -14.01 7.44
N THR B 212 -6.58 -13.99 7.03
CA THR B 212 -5.47 -13.77 7.94
C THR B 212 -4.34 -13.20 7.10
N GLY B 213 -3.49 -12.38 7.71
CA GLY B 213 -2.42 -11.76 6.95
C GLY B 213 -1.52 -10.91 7.80
N ASP B 214 -0.66 -10.14 7.15
CA ASP B 214 0.35 -9.38 7.85
C ASP B 214 -0.23 -8.22 8.66
N TYR B 215 0.59 -7.63 9.52
CA TYR B 215 0.16 -6.60 10.46
C TYR B 215 -0.94 -7.08 11.40
N GLY B 216 -0.96 -8.37 11.70
CA GLY B 216 -1.93 -8.93 12.62
C GLY B 216 -3.36 -8.98 12.12
N ARG B 217 -3.52 -9.07 10.79
CA ARG B 217 -4.86 -9.12 10.19
C ARG B 217 -5.54 -10.44 10.46
N ALA B 218 -6.78 -10.34 10.90
CA ALA B 218 -7.64 -11.49 11.07
C ALA B 218 -9.04 -11.06 10.69
N ASN B 219 -9.65 -11.81 9.79
CA ASN B 219 -11.02 -11.56 9.35
C ASN B 219 -11.86 -12.81 9.51
N ASP B 220 -13.16 -12.61 9.61
CA ASP B 220 -14.11 -13.70 9.39
C ASP B 220 -15.38 -13.10 8.83
N ILE B 221 -15.90 -13.73 7.78
CA ILE B 221 -17.26 -13.40 7.34
C ILE B 221 -18.15 -14.63 7.45
N ALA B 222 -19.34 -14.45 7.98
CA ALA B 222 -20.21 -15.57 8.18
C ALA B 222 -21.64 -15.22 7.86
N VAL B 223 -22.42 -16.28 7.70
CA VAL B 223 -23.86 -16.21 7.72
C VAL B 223 -24.28 -17.16 8.82
N VAL B 224 -25.14 -16.68 9.72
CA VAL B 224 -25.57 -17.45 10.89
C VAL B 224 -27.08 -17.61 10.94
N TRP B 225 -27.56 -18.73 11.45
CA TRP B 225 -29.00 -19.00 11.57
C TRP B 225 -29.41 -19.20 13.02
N SER B 226 -30.50 -18.57 13.44
CA SER B 226 -31.06 -18.80 14.78
C SER B 226 -31.58 -20.24 14.85
N PRO B 227 -31.81 -20.76 16.07
CA PRO B 227 -32.39 -22.12 16.17
C PRO B 227 -33.73 -22.28 15.44
N THR B 228 -34.50 -21.20 15.30
CA THR B 228 -35.73 -21.20 14.51
C THR B 228 -35.50 -20.73 13.03
N GLY B 229 -34.27 -20.82 12.54
CA GLY B 229 -33.93 -20.54 11.13
C GLY B 229 -33.85 -19.08 10.70
N VAL B 230 -33.87 -18.13 11.63
CA VAL B 230 -33.78 -16.71 11.29
C VAL B 230 -32.30 -16.34 10.98
N PRO B 231 -32.03 -15.85 9.75
CA PRO B 231 -30.65 -15.69 9.32
C PRO B 231 -30.10 -14.30 9.54
N TYR B 232 -28.80 -14.22 9.82
CA TYR B 232 -28.10 -12.95 9.91
C TYR B 232 -26.76 -13.08 9.21
N VAL B 233 -26.27 -11.96 8.69
CA VAL B 233 -24.90 -11.87 8.18
C VAL B 233 -23.99 -11.21 9.21
N VAL B 234 -22.82 -11.82 9.43
CA VAL B 234 -21.83 -11.25 10.36
C VAL B 234 -20.49 -11.01 9.65
N ALA B 235 -20.03 -9.77 9.66
CA ALA B 235 -18.70 -9.44 9.14
C ALA B 235 -17.86 -8.86 10.26
N VAL B 236 -16.74 -9.51 10.55
CA VAL B 236 -15.84 -9.09 11.60
C VAL B 236 -14.41 -9.08 11.05
N MET B 237 -13.77 -7.92 11.10
CA MET B 237 -12.44 -7.73 10.51
C MET B 237 -11.54 -6.99 11.48
N SER B 238 -10.26 -7.33 11.50
CA SER B 238 -9.29 -6.66 12.38
C SER B 238 -7.87 -6.63 11.83
N ASP B 239 -7.09 -5.66 12.31
CA ASP B 239 -5.62 -5.63 12.14
C ASP B 239 -4.95 -5.06 13.41
N ARG B 240 -3.62 -5.12 13.46
CA ARG B 240 -2.81 -4.75 14.63
C ARG B 240 -1.49 -4.09 14.18
N ALA B 241 -1.58 -3.02 13.40
CA ALA B 241 -0.36 -2.36 12.80
C ALA B 241 0.78 -2.01 13.78
N GLY B 242 0.42 -1.74 15.05
CA GLY B 242 1.36 -1.47 16.14
C GLY B 242 2.48 -2.50 16.27
N GLY B 243 2.20 -3.78 15.99
CA GLY B 243 3.23 -4.81 16.08
C GLY B 243 4.16 -4.98 14.87
N GLY B 244 3.96 -4.18 13.83
CA GLY B 244 4.67 -4.35 12.58
C GLY B 244 4.06 -5.43 11.70
N TYR B 245 4.63 -5.61 10.50
CA TYR B 245 4.18 -6.65 9.54
C TYR B 245 4.12 -8.08 10.12
N ASP B 246 4.87 -8.39 11.19
CA ASP B 246 4.86 -9.73 11.74
C ASP B 246 4.02 -9.86 13.03
N ALA B 247 3.10 -8.92 13.23
CA ALA B 247 2.32 -8.84 14.46
C ALA B 247 1.32 -9.99 14.60
N GLU B 248 1.07 -10.37 15.86
CA GLU B 248 0.15 -11.45 16.21
C GLU B 248 -1.26 -11.05 15.86
N PRO B 249 -1.95 -11.84 15.02
CA PRO B 249 -3.40 -11.68 14.88
C PRO B 249 -4.13 -12.30 16.07
N ARG B 250 -5.32 -11.81 16.39
CA ARG B 250 -6.04 -12.27 17.57
C ARG B 250 -7.41 -12.81 17.19
N GLU B 251 -7.46 -14.12 16.99
CA GLU B 251 -8.70 -14.86 16.80
C GLU B 251 -9.65 -14.61 17.94
N ALA B 252 -9.12 -14.49 19.16
CA ALA B 252 -9.95 -14.24 20.33
C ALA B 252 -10.73 -12.95 20.19
N LEU B 253 -10.08 -11.91 19.63
CA LEU B 253 -10.73 -10.64 19.33
C LEU B 253 -11.99 -10.82 18.49
N LEU B 254 -11.94 -11.71 17.50
CA LEU B 254 -13.09 -11.96 16.64
C LEU B 254 -14.19 -12.75 17.37
N ALA B 255 -13.80 -13.74 18.17
CA ALA B 255 -14.76 -14.52 18.95
C ALA B 255 -15.47 -13.65 19.99
N GLU B 256 -14.75 -12.74 20.62
CA GLU B 256 -15.39 -11.74 21.51
C GLU B 256 -16.41 -10.84 20.82
N ALA B 257 -16.04 -10.33 19.65
CA ALA B 257 -16.92 -9.48 18.85
C ALA B 257 -18.21 -10.23 18.47
N ALA B 258 -18.03 -11.42 17.92
CA ALA B 258 -19.13 -12.31 17.59
C ALA B 258 -20.02 -12.64 18.80
N THR B 259 -19.41 -12.73 19.98
CA THR B 259 -20.15 -12.89 21.23
C THR B 259 -20.99 -11.67 21.56
N CYS B 260 -20.47 -10.46 21.34
CA CYS B 260 -21.27 -9.23 21.56
C CYS B 260 -22.49 -9.24 20.66
N VAL B 261 -22.26 -9.59 19.39
CA VAL B 261 -23.28 -9.63 18.36
C VAL B 261 -24.32 -10.70 18.66
N ALA B 262 -23.83 -11.90 18.94
CA ALA B 262 -24.69 -12.99 19.33
C ALA B 262 -25.55 -12.54 20.53
N GLY B 263 -24.93 -11.90 21.51
CA GLY B 263 -25.61 -11.31 22.66
C GLY B 263 -26.80 -10.47 22.27
N VAL B 264 -26.58 -9.49 21.40
CA VAL B 264 -27.64 -8.62 20.87
C VAL B 264 -28.74 -9.46 20.15
N LEU B 265 -28.34 -10.19 19.11
CA LEU B 265 -29.28 -10.91 18.23
C LEU B 265 -30.16 -11.99 18.89
N ALA B 266 -29.70 -12.54 20.02
CA ALA B 266 -30.35 -13.69 20.69
C ALA B 266 -31.20 -13.34 21.90
N LEU B 267 -30.90 -12.22 22.56
CA LEU B 267 -31.68 -11.77 23.71
C LEU B 267 -32.97 -11.11 23.24
N GLU B 268 -34.07 -11.50 23.89
CA GLU B 268 -35.45 -11.18 23.44
C GLU B 268 -36.19 -10.28 24.44
#